data_4P9J
#
_entry.id   4P9J
#
_cell.length_a   37.580
_cell.length_b   37.570
_cell.length_c   95.820
_cell.angle_alpha   89.97
_cell.angle_beta   89.97
_cell.angle_gamma   120.05
#
_symmetry.space_group_name_H-M   'P 1'
#
loop_
_entity.id
_entity.type
_entity.pdbx_description
1 polymer 'Ryanodine receptor 1'
2 water water
#
_entity_poly.entity_id   1
_entity_poly.type   'polypeptide(L)'
_entity_poly.pdbx_seq_one_letter_code
;SNADRVRIFRAEKSYTVQSGRWYFEFEAVTTGEMRVGWARPELRPDVELGADELAYVFNGHRGQRWHLGSEPFGRPWQSG
DVVGCMIDLTENTIIFTLNGEVLMSDSGSETAFREIEIGDGFLPVCSLGPGQVGHLNLGQDVSSLRFFAICGLQEGFEPF
AINMQRPVTTWFSKSLPQFE
;
_entity_poly.pdbx_strand_id   C,A,B
#
# COMPACT_ATOMS: atom_id res chain seq x y z
N SER A 1 4.88 23.40 19.35
CA SER A 1 4.13 22.15 19.01
C SER A 1 2.86 22.43 18.19
N ASN A 2 2.78 21.86 17.00
CA ASN A 2 1.59 22.01 16.16
C ASN A 2 0.34 21.38 16.79
N ALA A 3 -0.79 22.06 16.65
CA ALA A 3 -2.04 21.62 17.23
C ALA A 3 -2.58 20.38 16.49
N ASP A 4 -3.33 19.53 17.19
CA ASP A 4 -4.06 18.44 16.53
C ASP A 4 -4.87 18.92 15.34
N ARG A 5 -4.76 18.17 14.25
CA ARG A 5 -5.66 18.30 13.10
C ARG A 5 -7.00 17.59 13.30
N VAL A 6 -8.07 18.38 13.20
CA VAL A 6 -9.46 17.91 13.41
C VAL A 6 -10.29 18.12 12.17
N ARG A 7 -10.87 17.04 11.68
CA ARG A 7 -11.72 17.08 10.49
C ARG A 7 -13.12 17.38 10.92
N ILE A 8 -13.76 18.35 10.25
CA ILE A 8 -15.12 18.74 10.54
C ILE A 8 -15.95 18.61 9.30
N PHE A 9 -16.98 17.80 9.39
CA PHE A 9 -17.83 17.46 8.27
C PHE A 9 -19.09 18.27 8.31
N ARG A 10 -19.04 19.42 7.64
CA ARG A 10 -20.19 20.27 7.40
C ARG A 10 -21.19 19.61 6.47
N ALA A 11 -22.48 19.88 6.67
CA ALA A 11 -23.46 19.59 5.64
C ALA A 11 -23.56 20.82 4.72
N GLU A 12 -23.94 20.62 3.47
CA GLU A 12 -24.19 21.76 2.58
C GLU A 12 -25.14 22.70 3.28
N LYS A 13 -24.87 24.00 3.20
CA LYS A 13 -25.68 24.98 3.91
C LYS A 13 -27.07 25.02 3.34
N SER A 14 -27.23 24.60 2.10
CA SER A 14 -28.54 24.78 1.50
C SER A 14 -29.53 23.75 2.11
N TYR A 15 -29.03 22.79 2.89
CA TYR A 15 -29.88 21.82 3.62
C TYR A 15 -30.34 22.31 5.00
N THR A 16 -29.96 23.52 5.37
CA THR A 16 -30.24 24.05 6.68
C THR A 16 -31.72 23.99 7.05
N VAL A 17 -32.02 23.63 8.29
CA VAL A 17 -33.41 23.61 8.75
C VAL A 17 -33.69 24.61 9.82
N GLN A 18 -34.81 25.30 9.66
CA GLN A 18 -35.29 26.23 10.65
C GLN A 18 -36.59 25.78 11.31
N SER A 19 -37.11 24.65 10.87
CA SER A 19 -38.31 24.09 11.46
C SER A 19 -38.25 22.57 11.38
N GLY A 20 -39.22 21.93 12.02
CA GLY A 20 -39.36 20.51 11.97
C GLY A 20 -38.52 19.79 13.00
N ARG A 21 -38.58 18.47 12.90
CA ARG A 21 -37.97 17.57 13.84
C ARG A 21 -37.14 16.55 13.08
N TRP A 22 -35.85 16.52 13.31
CA TRP A 22 -34.93 15.74 12.47
C TRP A 22 -34.02 14.76 13.22
N TYR A 23 -33.53 13.76 12.51
CA TYR A 23 -32.84 12.61 13.09
C TYR A 23 -31.69 12.19 12.17
N PHE A 24 -30.56 11.84 12.77
CA PHE A 24 -29.49 11.15 12.05
C PHE A 24 -28.60 10.36 13.00
N GLU A 25 -27.75 9.46 12.47
CA GLU A 25 -26.88 8.65 13.28
C GLU A 25 -25.41 8.83 12.95
N PHE A 26 -24.60 8.39 13.90
CA PHE A 26 -23.16 8.46 13.78
C PHE A 26 -22.56 7.21 14.45
N GLU A 27 -21.83 6.42 13.68
CA GLU A 27 -21.19 5.24 14.25
C GLU A 27 -19.76 5.52 14.64
N ALA A 28 -19.45 5.30 15.92
CA ALA A 28 -18.10 5.35 16.44
C ALA A 28 -17.36 4.04 16.09
N VAL A 29 -16.31 4.15 15.29
CA VAL A 29 -15.46 3.00 14.95
C VAL A 29 -14.26 2.94 15.85
N THR A 30 -13.59 4.08 16.02
CA THR A 30 -12.63 4.24 17.09
C THR A 30 -13.44 4.72 18.28
N THR A 31 -12.76 5.00 19.41
CA THR A 31 -13.46 5.33 20.67
C THR A 31 -12.95 6.63 21.32
N GLY A 32 -12.16 7.38 20.55
CA GLY A 32 -11.52 8.59 21.07
C GLY A 32 -12.27 9.87 20.70
N GLU A 33 -11.50 10.91 20.40
CA GLU A 33 -12.02 12.24 20.29
C GLU A 33 -12.80 12.49 19.02
N MET A 34 -14.12 12.30 19.10
CA MET A 34 -15.01 12.65 18.03
C MET A 34 -16.18 13.39 18.66
N ARG A 35 -16.83 14.24 17.89
CA ARG A 35 -18.02 14.94 18.37
C ARG A 35 -19.09 14.87 17.31
N VAL A 36 -20.34 14.89 17.74
CA VAL A 36 -21.42 14.84 16.79
C VAL A 36 -22.63 15.58 17.30
N GLY A 37 -23.35 16.20 16.41
CA GLY A 37 -24.57 16.90 16.81
C GLY A 37 -25.08 17.86 15.76
N TRP A 38 -25.46 19.07 16.20
CA TRP A 38 -26.08 20.06 15.33
C TRP A 38 -25.31 21.38 15.34
N ALA A 39 -24.99 21.87 14.15
CA ALA A 39 -24.18 23.08 13.95
C ALA A 39 -24.96 24.21 13.29
N ARG A 40 -24.54 25.44 13.56
CA ARG A 40 -25.01 26.55 12.76
C ARG A 40 -24.38 26.44 11.40
N PRO A 41 -24.96 27.12 10.42
CA PRO A 41 -24.37 27.06 9.09
C PRO A 41 -23.02 27.75 9.02
N GLU A 42 -22.69 28.65 9.94
CA GLU A 42 -21.33 29.17 9.97
C GLU A 42 -20.56 28.55 11.14
N LEU A 43 -19.38 28.03 10.86
CA LEU A 43 -18.47 27.56 11.89
C LEU A 43 -17.16 28.33 11.78
N ARG A 44 -16.49 28.51 12.91
CA ARG A 44 -15.22 29.26 12.93
C ARG A 44 -14.08 28.29 12.88
N PRO A 45 -13.01 28.64 12.16
CA PRO A 45 -11.90 27.70 12.12
C PRO A 45 -11.12 27.62 13.42
N ASP A 46 -10.44 26.51 13.58
CA ASP A 46 -9.51 26.31 14.66
C ASP A 46 -10.20 26.44 16.01
N VAL A 47 -11.49 26.10 16.03
CA VAL A 47 -12.29 26.02 17.25
C VAL A 47 -12.99 24.65 17.24
N GLU A 48 -12.96 23.93 18.35
CA GLU A 48 -13.64 22.63 18.42
C GLU A 48 -15.16 22.81 18.46
N LEU A 49 -15.91 21.85 17.96
CA LEU A 49 -17.37 21.94 17.98
C LEU A 49 -17.93 22.06 19.40
N GLY A 50 -18.77 23.09 19.59
CA GLY A 50 -19.46 23.25 20.86
C GLY A 50 -18.62 24.00 21.87
N ALA A 51 -17.43 24.43 21.46
CA ALA A 51 -16.59 25.25 22.36
C ALA A 51 -17.17 26.68 22.47
N ASP A 52 -17.82 27.10 21.39
CA ASP A 52 -18.51 28.37 21.29
C ASP A 52 -20.00 28.14 21.06
N GLU A 53 -20.71 29.15 20.56
CA GLU A 53 -22.15 29.10 20.42
C GLU A 53 -22.64 28.38 19.15
N LEU A 54 -21.70 27.91 18.32
CA LEU A 54 -22.07 27.60 16.95
C LEU A 54 -22.43 26.12 16.76
N ALA A 55 -22.38 25.38 17.85
CA ALA A 55 -22.76 23.98 17.77
C ALA A 55 -23.16 23.40 19.13
N TYR A 56 -23.90 22.30 19.03
CA TYR A 56 -24.48 21.60 20.14
C TYR A 56 -24.15 20.14 19.88
N VAL A 57 -23.18 19.59 20.59
CA VAL A 57 -22.66 18.26 20.22
C VAL A 57 -22.39 17.39 21.42
N PHE A 58 -22.36 16.10 21.15
CA PHE A 58 -22.02 15.07 22.09
C PHE A 58 -20.60 14.56 21.86
N ASN A 59 -19.80 14.44 22.91
CA ASN A 59 -18.45 13.90 22.80
C ASN A 59 -18.42 12.62 23.60
N GLY A 60 -18.35 11.51 22.89
CA GLY A 60 -18.46 10.22 23.52
C GLY A 60 -17.16 9.60 23.95
N HIS A 61 -16.06 10.34 23.88
CA HIS A 61 -14.78 9.80 24.31
C HIS A 61 -14.89 9.42 25.80
N ARG A 62 -15.35 10.36 26.61
CA ARG A 62 -15.67 10.07 28.01
C ARG A 62 -17.11 10.40 28.37
N GLY A 63 -17.78 11.18 27.54
CA GLY A 63 -19.18 11.49 27.77
C GLY A 63 -19.33 12.93 28.21
N GLN A 64 -19.51 13.78 27.20
CA GLN A 64 -19.64 15.21 27.38
C GLN A 64 -20.63 15.86 26.41
N ARG A 65 -21.36 16.86 26.89
CA ARG A 65 -22.15 17.68 25.97
C ARG A 65 -21.46 19.02 25.87
N TRP A 66 -21.40 19.53 24.65
CA TRP A 66 -20.67 20.76 24.33
C TRP A 66 -21.59 21.80 23.69
N HIS A 67 -21.65 22.93 24.36
CA HIS A 67 -22.18 24.16 23.83
C HIS A 67 -21.67 25.26 24.74
N LEU A 68 -20.95 26.24 24.18
CA LEU A 68 -20.22 27.21 25.00
C LEU A 68 -19.38 26.55 26.08
N GLY A 69 -18.79 25.41 25.74
CA GLY A 69 -17.94 24.69 26.66
C GLY A 69 -18.54 23.33 26.97
N SER A 70 -17.87 22.59 27.83
CA SER A 70 -18.21 21.19 28.09
C SER A 70 -18.92 20.97 29.44
N GLU A 71 -19.72 19.90 29.51
CA GLU A 71 -20.20 19.37 30.76
C GLU A 71 -20.33 17.85 30.68
N PRO A 72 -20.14 17.16 31.83
CA PRO A 72 -20.34 15.71 31.87
C PRO A 72 -21.76 15.38 31.44
N PHE A 73 -21.92 14.33 30.65
CA PHE A 73 -23.19 13.97 30.05
C PHE A 73 -23.10 12.60 29.38
N GLY A 74 -24.13 11.79 29.54
CA GLY A 74 -24.17 10.48 28.91
C GLY A 74 -23.12 9.54 29.45
N ARG A 75 -22.54 8.75 28.55
CA ARG A 75 -21.50 7.81 28.89
C ARG A 75 -20.62 7.62 27.68
N PRO A 76 -19.43 7.05 27.88
CA PRO A 76 -18.52 6.92 26.74
C PRO A 76 -18.89 5.84 25.74
N TRP A 77 -18.60 6.13 24.47
CA TRP A 77 -18.55 5.20 23.33
C TRP A 77 -17.75 3.93 23.47
N GLN A 78 -18.28 2.84 22.92
CA GLN A 78 -17.46 1.69 22.53
C GLN A 78 -17.47 1.52 21.02
N SER A 79 -16.45 0.85 20.48
CA SER A 79 -16.40 0.55 19.07
C SER A 79 -17.68 -0.09 18.58
N GLY A 80 -18.26 0.48 17.55
CA GLY A 80 -19.49 -0.06 16.99
C GLY A 80 -20.75 0.66 17.49
N ASP A 81 -20.64 1.42 18.56
CA ASP A 81 -21.81 2.14 19.10
C ASP A 81 -22.32 3.16 18.10
N VAL A 82 -23.64 3.42 18.14
CA VAL A 82 -24.27 4.36 17.25
C VAL A 82 -24.99 5.43 18.05
N VAL A 83 -24.61 6.69 17.81
CA VAL A 83 -25.24 7.84 18.47
C VAL A 83 -26.38 8.27 17.59
N GLY A 84 -27.55 8.44 18.20
CA GLY A 84 -28.68 9.00 17.50
C GLY A 84 -28.76 10.46 17.92
N CYS A 85 -28.83 11.36 16.94
CA CYS A 85 -28.95 12.80 17.17
C CYS A 85 -30.32 13.30 16.77
N MET A 86 -31.01 13.98 17.67
CA MET A 86 -32.33 14.52 17.39
C MET A 86 -32.40 16.00 17.72
N ILE A 87 -33.14 16.74 16.90
CA ILE A 87 -33.43 18.15 17.16
C ILE A 87 -34.91 18.37 16.87
N ASP A 88 -35.53 19.10 17.78
CA ASP A 88 -36.96 19.43 17.74
C ASP A 88 -37.06 20.95 17.74
N LEU A 89 -37.39 21.50 16.59
CA LEU A 89 -37.40 22.96 16.42
C LEU A 89 -38.78 23.56 16.71
N THR A 90 -39.72 22.74 17.17
CA THR A 90 -40.94 23.28 17.79
C THR A 90 -40.81 23.40 19.31
N GLU A 91 -40.46 22.30 19.96
CA GLU A 91 -40.13 22.29 21.41
C GLU A 91 -38.79 23.00 21.74
N ASN A 92 -37.92 23.12 20.72
CA ASN A 92 -36.60 23.76 20.80
C ASN A 92 -35.61 22.97 21.69
N THR A 93 -35.44 21.69 21.35
CA THR A 93 -34.66 20.75 22.18
C THR A 93 -33.79 19.86 21.31
N ILE A 94 -32.76 19.28 21.95
CA ILE A 94 -31.85 18.32 21.33
C ILE A 94 -31.78 17.13 22.24
N ILE A 95 -31.85 15.94 21.65
CA ILE A 95 -31.80 14.70 22.37
C ILE A 95 -30.77 13.79 21.71
N PHE A 96 -29.92 13.14 22.50
CA PHE A 96 -29.03 12.07 21.99
C PHE A 96 -29.38 10.67 22.52
N THR A 97 -29.21 9.69 21.65
CA THR A 97 -29.30 8.30 22.01
C THR A 97 -27.99 7.61 21.70
N LEU A 98 -27.75 6.50 22.38
CA LEU A 98 -26.60 5.63 22.22
C LEU A 98 -27.14 4.21 22.12
N ASN A 99 -26.98 3.56 20.97
CA ASN A 99 -27.61 2.26 20.73
C ASN A 99 -29.08 2.26 21.12
N GLY A 100 -29.75 3.32 20.68
CA GLY A 100 -31.19 3.43 20.75
C GLY A 100 -31.72 3.80 22.12
N GLU A 101 -30.84 4.00 23.09
CA GLU A 101 -31.27 4.37 24.43
C GLU A 101 -30.95 5.84 24.71
N VAL A 102 -31.90 6.60 25.24
CA VAL A 102 -31.67 8.01 25.43
C VAL A 102 -30.55 8.22 26.43
N LEU A 103 -29.69 9.18 26.12
CA LEU A 103 -28.62 9.57 26.99
C LEU A 103 -29.17 10.65 27.93
N MET A 104 -29.17 10.32 29.22
CA MET A 104 -29.64 11.21 30.29
C MET A 104 -28.54 12.15 30.77
N SER A 105 -28.93 13.38 31.06
CA SER A 105 -28.03 14.34 31.65
C SER A 105 -27.70 13.87 33.05
N ASP A 106 -26.71 14.51 33.66
CA ASP A 106 -26.35 14.18 35.03
C ASP A 106 -27.48 14.49 36.03
N SER A 107 -28.36 15.40 35.65
CA SER A 107 -29.45 15.85 36.53
C SER A 107 -30.69 14.99 36.31
N GLY A 108 -30.61 14.06 35.35
CA GLY A 108 -31.73 13.16 35.05
C GLY A 108 -32.64 13.45 33.84
N SER A 109 -32.25 14.37 32.96
CA SER A 109 -33.13 14.85 31.88
C SER A 109 -32.84 14.21 30.54
N GLU A 110 -33.89 13.88 29.79
CA GLU A 110 -33.75 13.35 28.43
C GLU A 110 -33.29 14.39 27.44
N THR A 111 -33.58 15.66 27.69
CA THR A 111 -33.13 16.67 26.75
C THR A 111 -31.68 17.00 27.06
N ALA A 112 -30.82 16.89 26.05
CA ALA A 112 -29.43 17.28 26.25
C ALA A 112 -29.29 18.81 26.28
N PHE A 113 -30.02 19.47 25.39
CA PHE A 113 -30.10 20.93 25.38
C PHE A 113 -31.56 21.32 25.20
N ARG A 114 -31.96 22.39 25.87
CA ARG A 114 -33.31 22.92 25.74
C ARG A 114 -33.30 24.43 25.55
N GLU A 115 -34.46 24.99 25.20
CA GLU A 115 -34.62 26.41 25.00
C GLU A 115 -33.57 26.93 24.02
N ILE A 116 -33.33 26.16 22.97
CA ILE A 116 -32.39 26.57 21.95
C ILE A 116 -33.08 27.54 21.00
N GLU A 117 -32.33 28.45 20.40
CA GLU A 117 -32.93 29.43 19.53
C GLU A 117 -32.73 29.00 18.08
N ILE A 118 -33.78 29.18 17.28
CA ILE A 118 -33.76 28.71 15.88
C ILE A 118 -32.71 29.49 15.10
N GLY A 119 -32.73 30.81 15.23
CA GLY A 119 -31.72 31.66 14.60
C GLY A 119 -31.58 31.36 13.12
N ASP A 120 -30.34 31.20 12.67
CA ASP A 120 -30.07 30.86 11.27
C ASP A 120 -30.36 29.40 10.89
N GLY A 121 -30.65 28.55 11.87
CA GLY A 121 -31.10 27.19 11.60
C GLY A 121 -29.95 26.22 11.90
N PHE A 122 -30.12 24.95 11.56
CA PHE A 122 -29.16 23.92 11.97
C PHE A 122 -28.79 22.98 10.84
N LEU A 123 -27.65 22.35 11.00
CA LEU A 123 -27.16 21.32 10.10
C LEU A 123 -26.56 20.20 10.94
N PRO A 124 -26.65 18.96 10.47
CA PRO A 124 -25.90 17.89 11.12
C PRO A 124 -24.40 18.11 11.01
N VAL A 125 -23.64 17.74 12.03
CA VAL A 125 -22.20 17.93 12.03
C VAL A 125 -21.52 16.83 12.81
N CYS A 126 -20.28 16.52 12.43
CA CYS A 126 -19.38 15.74 13.27
C CYS A 126 -17.95 16.21 13.13
N SER A 127 -17.16 15.94 14.16
CA SER A 127 -15.73 16.21 14.11
C SER A 127 -15.01 14.92 14.47
N LEU A 128 -13.91 14.71 13.75
CA LEU A 128 -13.06 13.55 13.91
C LEU A 128 -11.67 14.00 14.23
N GLY A 129 -11.20 13.67 15.42
CA GLY A 129 -9.85 14.02 15.83
C GLY A 129 -8.82 13.20 15.05
N PRO A 130 -7.55 13.53 15.20
CA PRO A 130 -6.51 12.75 14.48
C PRO A 130 -6.63 11.26 14.79
N GLY A 131 -6.51 10.45 13.75
CA GLY A 131 -6.59 9.01 13.84
C GLY A 131 -7.97 8.40 13.93
N GLN A 132 -8.98 9.23 14.19
CA GLN A 132 -10.28 8.70 14.53
C GLN A 132 -11.15 8.35 13.32
N VAL A 133 -12.08 7.42 13.52
CA VAL A 133 -12.91 6.92 12.44
C VAL A 133 -14.35 6.81 12.90
N GLY A 134 -15.25 7.43 12.13
CA GLY A 134 -16.66 7.41 12.43
C GLY A 134 -17.46 7.75 11.19
N HIS A 135 -18.66 7.20 11.08
CA HIS A 135 -19.50 7.36 9.88
C HIS A 135 -20.84 8.00 10.22
N LEU A 136 -21.19 9.06 9.52
CA LEU A 136 -22.54 9.60 9.55
C LEU A 136 -23.46 8.78 8.74
N ASN A 137 -24.69 8.70 9.22
CA ASN A 137 -25.76 8.27 8.35
C ASN A 137 -26.91 9.27 8.45
N LEU A 138 -27.14 10.03 7.39
CA LEU A 138 -28.19 11.05 7.43
C LEU A 138 -29.54 10.50 7.00
N GLY A 139 -29.59 9.22 6.69
CA GLY A 139 -30.83 8.52 6.53
C GLY A 139 -31.46 8.54 5.16
N GLN A 140 -30.65 8.70 4.11
CA GLN A 140 -31.11 8.56 2.73
C GLN A 140 -31.88 7.24 2.61
N ASP A 141 -31.30 6.18 3.15
CA ASP A 141 -32.01 4.89 3.25
C ASP A 141 -32.42 4.77 4.68
N VAL A 142 -33.69 5.10 4.94
CA VAL A 142 -34.21 5.09 6.28
C VAL A 142 -34.03 3.72 6.93
N SER A 143 -34.20 2.65 6.16
CA SER A 143 -34.08 1.32 6.75
C SER A 143 -32.65 1.04 7.21
N SER A 144 -31.69 1.79 6.67
CA SER A 144 -30.31 1.61 7.06
C SER A 144 -30.00 2.21 8.44
N LEU A 145 -30.82 3.15 8.92
CA LEU A 145 -30.68 3.65 10.29
C LEU A 145 -30.86 2.54 11.28
N ARG A 146 -29.90 2.40 12.19
CA ARG A 146 -29.84 1.22 13.03
C ARG A 146 -30.75 1.27 14.25
N PHE A 147 -31.04 2.48 14.74
CA PHE A 147 -31.80 2.60 16.00
C PHE A 147 -32.98 3.59 15.90
N PHE A 148 -33.24 4.07 14.69
CA PHE A 148 -34.29 5.07 14.46
C PHE A 148 -35.65 4.53 14.89
N ALA A 149 -35.89 3.28 14.54
CA ALA A 149 -37.20 2.69 14.82
C ALA A 149 -37.37 2.46 16.31
N ILE A 150 -36.25 2.34 17.01
CA ILE A 150 -36.28 2.03 18.44
C ILE A 150 -36.48 3.29 19.25
N CYS A 151 -35.89 4.40 18.80
CA CYS A 151 -36.11 5.69 19.43
C CYS A 151 -35.92 6.77 18.36
N GLY A 152 -37.01 7.39 17.97
CA GLY A 152 -37.00 8.52 17.05
C GLY A 152 -38.14 8.47 16.08
N LEU A 153 -38.43 7.28 15.57
CA LEU A 153 -39.50 7.09 14.60
C LEU A 153 -40.86 7.42 15.24
N GLN A 154 -41.23 6.70 16.30
CA GLN A 154 -42.58 6.89 16.84
C GLN A 154 -42.67 8.28 17.47
N GLU A 155 -41.52 8.78 17.93
CA GLU A 155 -41.41 10.10 18.51
C GLU A 155 -41.58 11.28 17.52
N GLY A 156 -41.73 11.03 16.21
CA GLY A 156 -42.05 12.08 15.27
C GLY A 156 -40.85 12.78 14.68
N PHE A 157 -39.66 12.24 14.90
CA PHE A 157 -38.48 12.79 14.25
C PHE A 157 -38.31 12.13 12.87
N GLU A 158 -37.83 12.92 11.90
CA GLU A 158 -37.73 12.44 10.51
C GLU A 158 -36.27 12.38 10.11
N PRO A 159 -35.89 11.38 9.30
CA PRO A 159 -34.49 11.32 8.89
C PRO A 159 -34.08 12.62 8.22
N PHE A 160 -32.95 13.17 8.62
CA PHE A 160 -32.53 14.44 8.06
C PHE A 160 -32.42 14.46 6.52
N ALA A 161 -32.18 13.30 5.90
CA ALA A 161 -31.91 13.27 4.44
C ALA A 161 -33.09 13.74 3.58
N ILE A 162 -34.27 13.73 4.17
CA ILE A 162 -35.45 14.31 3.53
C ILE A 162 -35.19 15.77 3.12
N ASN A 163 -34.24 16.45 3.78
CA ASN A 163 -33.86 17.80 3.44
C ASN A 163 -32.82 17.92 2.32
N MET A 164 -32.37 16.77 1.84
CA MET A 164 -31.28 16.72 0.89
C MET A 164 -31.80 16.17 -0.45
N GLN A 165 -31.86 17.02 -1.47
CA GLN A 165 -32.36 16.56 -2.77
C GLN A 165 -31.19 16.45 -3.75
N ARG A 166 -31.05 15.28 -4.35
CA ARG A 166 -30.01 15.06 -5.35
C ARG A 166 -30.17 16.10 -6.46
N PRO A 167 -29.07 16.74 -6.86
CA PRO A 167 -29.13 17.53 -8.10
C PRO A 167 -29.30 16.58 -9.27
N VAL A 168 -30.06 16.99 -10.29
CA VAL A 168 -30.24 16.17 -11.47
C VAL A 168 -30.04 16.96 -12.77
N THR A 169 -29.66 16.22 -13.82
CA THR A 169 -29.70 16.75 -15.18
C THR A 169 -30.82 16.03 -15.87
N THR A 170 -31.79 16.76 -16.42
CA THR A 170 -32.91 16.08 -17.05
C THR A 170 -32.77 15.98 -18.56
N TRP A 171 -33.29 14.88 -19.10
CA TRP A 171 -33.48 14.70 -20.53
C TRP A 171 -34.95 14.46 -20.77
N PHE A 172 -35.56 15.33 -21.56
CA PHE A 172 -36.97 15.23 -21.93
C PHE A 172 -37.15 14.56 -23.27
N SER A 173 -38.17 13.73 -23.40
CA SER A 173 -38.62 13.36 -24.74
C SER A 173 -40.11 13.09 -24.76
N LYS A 174 -40.71 13.35 -25.92
CA LYS A 174 -42.15 13.20 -26.15
C LYS A 174 -42.54 11.80 -26.67
N SER A 175 -41.51 10.97 -26.85
CA SER A 175 -41.64 9.67 -27.48
C SER A 175 -42.15 8.57 -26.55
N LEU A 176 -43.44 8.29 -26.64
CA LEU A 176 -44.03 7.22 -25.83
C LEU A 176 -43.23 5.92 -25.99
N PRO A 177 -42.91 5.53 -27.23
CA PRO A 177 -42.22 4.25 -27.39
C PRO A 177 -40.92 4.11 -26.59
N GLN A 178 -40.37 5.23 -26.10
CA GLN A 178 -39.14 5.20 -25.32
C GLN A 178 -39.46 4.83 -23.86
N PHE A 179 -40.67 5.17 -23.44
CA PHE A 179 -41.13 4.87 -22.07
C PHE A 179 -42.10 3.71 -22.12
N GLU A 180 -42.05 2.98 -23.24
CA GLU A 180 -42.92 1.83 -23.50
C GLU A 180 -44.37 2.17 -23.23
N SER B 1 14.67 -30.10 0.46
CA SER B 1 14.28 -28.96 -0.41
C SER B 1 14.43 -27.64 0.33
N ASN B 2 15.33 -26.80 -0.17
CA ASN B 2 15.63 -25.52 0.49
C ASN B 2 14.43 -24.59 0.46
N ALA B 3 14.24 -23.91 1.57
CA ALA B 3 13.15 -22.96 1.73
C ALA B 3 13.29 -21.71 0.81
N ASP B 4 12.18 -21.03 0.53
CA ASP B 4 12.24 -19.76 -0.18
C ASP B 4 13.10 -18.80 0.59
N ARG B 5 13.89 -18.03 -0.17
CA ARG B 5 14.68 -16.94 0.40
C ARG B 5 13.85 -15.65 0.41
N VAL B 6 13.70 -15.07 1.60
CA VAL B 6 12.86 -13.89 1.83
C VAL B 6 13.67 -12.74 2.42
N ARG B 7 13.58 -11.62 1.75
CA ARG B 7 14.33 -10.43 2.11
C ARG B 7 13.47 -9.59 3.00
N ILE B 8 13.98 -9.24 4.19
CA ILE B 8 13.23 -8.44 5.14
C ILE B 8 13.97 -7.17 5.39
N PHE B 9 13.23 -6.06 5.24
CA PHE B 9 13.80 -4.72 5.33
C PHE B 9 13.19 -4.00 6.49
N ARG B 10 13.82 -4.10 7.67
CA ARG B 10 13.37 -3.35 8.84
C ARG B 10 14.34 -2.22 9.14
N ALA B 11 13.82 -1.01 9.22
CA ALA B 11 14.62 0.19 9.37
C ALA B 11 15.49 0.19 10.63
N GLU B 12 16.40 1.15 10.72
CA GLU B 12 17.33 1.26 11.84
C GLU B 12 16.55 1.26 13.12
N LYS B 13 17.06 0.53 14.10
CA LYS B 13 16.34 0.36 15.36
C LYS B 13 16.24 1.68 16.08
N SER B 14 17.17 2.59 15.81
CA SER B 14 17.19 3.82 16.60
C SER B 14 15.99 4.70 16.21
N TYR B 15 15.25 4.33 15.16
CA TYR B 15 14.09 5.11 14.70
C TYR B 15 12.77 4.65 15.30
N THR B 16 12.83 3.67 16.20
CA THR B 16 11.66 3.07 16.80
C THR B 16 10.73 4.15 17.36
N VAL B 17 9.43 4.02 17.11
CA VAL B 17 8.45 4.91 17.71
C VAL B 17 7.65 4.20 18.79
N GLN B 18 7.40 4.92 19.88
CA GLN B 18 6.60 4.42 20.98
C GLN B 18 5.39 5.32 21.22
N SER B 19 5.33 6.41 20.46
CA SER B 19 4.16 7.27 20.43
C SER B 19 3.96 7.88 19.04
N GLY B 20 2.90 8.67 18.89
CA GLY B 20 2.60 9.36 17.65
C GLY B 20 1.74 8.56 16.67
N ARG B 21 1.53 9.16 15.51
CA ARG B 21 0.71 8.58 14.48
C ARG B 21 1.52 8.69 13.19
N TRP B 22 1.85 7.57 12.56
CA TRP B 22 2.80 7.59 11.45
C TRP B 22 2.28 6.95 10.15
N TYR B 23 2.92 7.32 9.06
CA TYR B 23 2.50 6.92 7.73
C TYR B 23 3.70 6.61 6.86
N PHE B 24 3.60 5.55 6.07
CA PHE B 24 4.53 5.31 4.97
C PHE B 24 3.84 4.52 3.88
N GLU B 25 4.49 4.43 2.72
CA GLU B 25 3.91 3.75 1.57
C GLU B 25 4.78 2.61 1.04
N PHE B 26 4.13 1.69 0.36
CA PHE B 26 4.80 0.53 -0.23
C PHE B 26 4.20 0.28 -1.60
N GLU B 27 5.02 0.43 -2.66
CA GLU B 27 4.58 0.17 -4.03
C GLU B 27 4.90 -1.25 -4.47
N ALA B 28 3.86 -1.97 -4.89
CA ALA B 28 4.01 -3.31 -5.43
C ALA B 28 4.31 -3.22 -6.92
N VAL B 29 5.51 -3.65 -7.32
CA VAL B 29 5.91 -3.68 -8.74
C VAL B 29 5.53 -5.02 -9.34
N THR B 30 5.95 -6.09 -8.70
CA THR B 30 5.34 -7.41 -8.92
C THR B 30 4.06 -7.53 -8.09
N THR B 31 3.37 -8.69 -8.13
CA THR B 31 2.08 -8.83 -7.45
C THR B 31 1.99 -10.07 -6.57
N GLY B 32 3.14 -10.66 -6.26
CA GLY B 32 3.20 -11.91 -5.54
C GLY B 32 3.51 -11.72 -4.07
N GLU B 33 4.30 -12.63 -3.51
CA GLU B 33 4.46 -12.74 -2.07
C GLU B 33 5.32 -11.61 -1.47
N MET B 34 4.64 -10.55 -1.04
CA MET B 34 5.30 -9.46 -0.34
C MET B 34 4.42 -9.10 0.85
N ARG B 35 5.01 -8.62 1.94
CA ARG B 35 4.27 -8.14 3.09
C ARG B 35 4.79 -6.78 3.55
N VAL B 36 3.92 -5.96 4.14
CA VAL B 36 4.30 -4.62 4.56
C VAL B 36 3.50 -4.24 5.80
N GLY B 37 4.14 -3.53 6.70
CA GLY B 37 3.41 -3.05 7.87
C GLY B 37 4.36 -2.54 8.92
N TRP B 38 4.08 -2.94 10.17
CA TRP B 38 4.84 -2.50 11.33
C TRP B 38 5.39 -3.68 12.10
N ALA B 39 6.65 -3.57 12.49
CA ALA B 39 7.39 -4.62 13.18
C ALA B 39 7.92 -4.12 14.49
N ARG B 40 8.20 -5.04 15.39
CA ARG B 40 8.94 -4.74 16.60
C ARG B 40 10.39 -4.60 16.23
N PRO B 41 11.15 -3.91 17.06
CA PRO B 41 12.57 -3.76 16.76
C PRO B 41 13.27 -5.11 16.68
N GLU B 42 12.79 -6.15 17.36
CA GLU B 42 13.40 -7.47 17.23
C GLU B 42 12.52 -8.40 16.39
N LEU B 43 13.12 -8.98 15.36
CA LEU B 43 12.48 -10.00 14.51
C LEU B 43 13.30 -11.29 14.58
N ARG B 44 12.62 -12.43 14.54
CA ARG B 44 13.30 -13.73 14.54
C ARG B 44 13.62 -14.21 13.15
N PRO B 45 14.78 -14.87 12.97
CA PRO B 45 15.09 -15.40 11.65
C PRO B 45 14.19 -16.57 11.21
N ASP B 46 14.09 -16.74 9.89
CA ASP B 46 13.39 -17.88 9.33
C ASP B 46 11.94 -17.96 9.78
N VAL B 47 11.34 -16.79 10.03
CA VAL B 47 9.91 -16.68 10.30
C VAL B 47 9.39 -15.60 9.37
N GLU B 48 8.30 -15.85 8.67
CA GLU B 48 7.66 -14.80 7.86
C GLU B 48 7.09 -13.70 8.73
N LEU B 49 6.92 -12.51 8.16
CA LEU B 49 6.40 -11.37 8.92
C LEU B 49 4.97 -11.63 9.38
N GLY B 50 4.75 -11.57 10.68
CA GLY B 50 3.41 -11.63 11.21
C GLY B 50 2.93 -13.03 11.48
N ALA B 51 3.81 -14.02 11.31
CA ALA B 51 3.44 -15.39 11.65
C ALA B 51 3.46 -15.53 13.17
N ASP B 52 4.29 -14.70 13.82
CA ASP B 52 4.35 -14.62 15.28
C ASP B 52 3.87 -13.24 15.77
N GLU B 53 4.30 -12.82 16.94
CA GLU B 53 3.78 -11.61 17.56
C GLU B 53 4.57 -10.36 17.16
N LEU B 54 5.57 -10.49 16.30
CA LEU B 54 6.54 -9.40 16.19
C LEU B 54 6.26 -8.44 15.04
N ALA B 55 5.19 -8.66 14.31
CA ALA B 55 4.85 -7.79 13.22
C ALA B 55 3.37 -7.78 12.98
N TYR B 56 2.93 -6.70 12.34
CA TYR B 56 1.55 -6.50 11.97
C TYR B 56 1.59 -6.13 10.51
N VAL B 57 1.22 -7.02 9.62
CA VAL B 57 1.40 -6.71 8.20
C VAL B 57 0.24 -7.12 7.32
N PHE B 58 0.27 -6.51 6.13
CA PHE B 58 -0.66 -6.79 5.04
C PHE B 58 0.06 -7.57 3.97
N ASN B 59 -0.56 -8.66 3.49
CA ASN B 59 -0.07 -9.42 2.34
C ASN B 59 -1.10 -9.32 1.20
N GLY B 60 -0.70 -8.56 0.19
CA GLY B 60 -1.56 -8.21 -0.93
C GLY B 60 -1.53 -9.20 -2.07
N HIS B 61 -0.80 -10.29 -1.93
CA HIS B 61 -0.74 -11.32 -2.96
C HIS B 61 -2.17 -11.77 -3.24
N ARG B 62 -2.85 -12.18 -2.17
CA ARG B 62 -4.28 -12.47 -2.26
C ARG B 62 -5.09 -11.45 -1.46
N GLY B 63 -4.56 -11.08 -0.29
CA GLY B 63 -5.28 -10.16 0.56
C GLY B 63 -5.42 -10.78 1.93
N GLN B 64 -4.47 -10.47 2.80
CA GLN B 64 -4.35 -11.11 4.08
C GLN B 64 -3.77 -10.17 5.12
N ARG B 65 -4.25 -10.25 6.35
CA ARG B 65 -3.59 -9.53 7.42
C ARG B 65 -2.92 -10.58 8.31
N TRP B 66 -1.71 -10.26 8.74
CA TRP B 66 -0.88 -11.16 9.51
C TRP B 66 -0.47 -10.54 10.85
N HIS B 67 -0.82 -11.27 11.89
CA HIS B 67 -0.32 -11.11 13.25
C HIS B 67 -0.71 -12.39 13.96
N LEU B 68 0.26 -13.09 14.53
CA LEU B 68 0.07 -14.43 15.07
C LEU B 68 -0.71 -15.32 14.12
N GLY B 69 -0.38 -15.20 12.86
CA GLY B 69 -1.07 -15.95 11.83
C GLY B 69 -1.91 -15.04 10.93
N SER B 70 -2.49 -15.64 9.90
CA SER B 70 -3.16 -14.89 8.86
C SER B 70 -4.69 -14.90 8.94
N GLU B 71 -5.32 -13.89 8.32
CA GLU B 71 -6.75 -13.89 8.05
C GLU B 71 -7.01 -13.21 6.72
N PRO B 72 -8.06 -13.61 5.98
CA PRO B 72 -8.54 -12.82 4.84
C PRO B 72 -8.78 -11.35 5.21
N PHE B 73 -8.34 -10.42 4.35
CA PHE B 73 -8.39 -8.97 4.60
C PHE B 73 -8.01 -8.22 3.36
N GLY B 74 -8.74 -7.16 3.07
CA GLY B 74 -8.50 -6.32 1.91
C GLY B 74 -8.79 -6.99 0.59
N ARG B 75 -7.94 -6.72 -0.38
CA ARG B 75 -8.01 -7.32 -1.69
C ARG B 75 -6.60 -7.37 -2.25
N PRO B 76 -6.42 -8.08 -3.36
CA PRO B 76 -5.04 -8.26 -3.81
C PRO B 76 -4.50 -7.11 -4.66
N TRP B 77 -3.19 -6.89 -4.49
CA TRP B 77 -2.31 -6.03 -5.31
C TRP B 77 -2.40 -6.22 -6.78
N GLN B 78 -2.39 -5.12 -7.53
CA GLN B 78 -2.00 -5.15 -8.95
C GLN B 78 -0.71 -4.37 -9.11
N SER B 79 0.04 -4.65 -10.18
CA SER B 79 1.28 -3.96 -10.41
C SER B 79 1.05 -2.46 -10.43
N GLY B 80 1.92 -1.75 -9.73
CA GLY B 80 1.80 -0.31 -9.54
C GLY B 80 0.97 0.13 -8.33
N ASP B 81 0.23 -0.78 -7.71
CA ASP B 81 -0.58 -0.39 -6.55
C ASP B 81 0.33 0.06 -5.40
N VAL B 82 -0.18 1.01 -4.61
CA VAL B 82 0.53 1.57 -3.48
C VAL B 82 -0.27 1.34 -2.19
N VAL B 83 0.39 0.66 -1.26
CA VAL B 83 -0.18 0.40 0.05
C VAL B 83 0.22 1.55 0.97
N GLY B 84 -0.76 2.17 1.63
CA GLY B 84 -0.48 3.12 2.68
C GLY B 84 -0.59 2.39 4.02
N CYS B 85 0.38 2.65 4.89
CA CYS B 85 0.48 1.99 6.18
C CYS B 85 0.43 2.99 7.29
N MET B 86 -0.48 2.80 8.22
CA MET B 86 -0.72 3.77 9.26
C MET B 86 -0.70 3.10 10.62
N ILE B 87 -0.09 3.76 11.60
CA ILE B 87 -0.21 3.30 12.99
C ILE B 87 -0.51 4.51 13.88
N ASP B 88 -1.41 4.31 14.83
CA ASP B 88 -1.82 5.35 15.77
C ASP B 88 -1.58 4.80 17.15
N LEU B 89 -0.61 5.35 17.84
CA LEU B 89 -0.20 4.80 19.12
C LEU B 89 -0.91 5.50 20.28
N THR B 90 -1.89 6.34 19.95
CA THR B 90 -2.77 6.90 20.98
C THR B 90 -4.00 6.00 21.06
N GLU B 91 -4.58 5.69 19.90
CA GLU B 91 -5.77 4.89 19.79
C GLU B 91 -5.41 3.39 19.81
N ASN B 92 -4.15 3.08 19.50
CA ASN B 92 -3.58 1.73 19.47
C ASN B 92 -4.15 0.90 18.32
N THR B 93 -4.05 1.48 17.13
CA THR B 93 -4.60 0.91 15.90
C THR B 93 -3.61 0.93 14.74
N ILE B 94 -3.88 0.10 13.75
CA ILE B 94 -3.13 0.08 12.50
C ILE B 94 -4.18 0.09 11.41
N ILE B 95 -3.93 0.91 10.39
CA ILE B 95 -4.84 1.05 9.26
C ILE B 95 -4.02 0.89 7.96
N PHE B 96 -4.57 0.19 6.97
CA PHE B 96 -3.96 0.11 5.63
C PHE B 96 -4.83 0.72 4.57
N THR B 97 -4.19 1.35 3.59
CA THR B 97 -4.87 1.82 2.40
C THR B 97 -4.27 1.19 1.14
N LEU B 98 -5.09 1.10 0.11
CA LEU B 98 -4.66 0.67 -1.23
C LEU B 98 -5.06 1.75 -2.22
N ASN B 99 -4.06 2.43 -2.79
CA ASN B 99 -4.30 3.52 -3.72
C ASN B 99 -5.19 4.55 -3.05
N GLY B 100 -4.88 4.85 -1.80
CA GLY B 100 -5.57 5.86 -1.01
C GLY B 100 -6.96 5.52 -0.50
N GLU B 101 -7.41 4.28 -0.72
CA GLU B 101 -8.69 3.82 -0.20
C GLU B 101 -8.49 2.82 0.92
N VAL B 102 -9.16 3.04 2.05
CA VAL B 102 -8.98 2.22 3.21
C VAL B 102 -9.36 0.80 2.87
N LEU B 103 -8.52 -0.12 3.29
CA LEU B 103 -8.79 -1.53 3.17
C LEU B 103 -9.61 -1.98 4.37
N MET B 104 -10.79 -2.51 4.08
CA MET B 104 -11.74 -2.91 5.11
C MET B 104 -11.52 -4.37 5.46
N SER B 105 -11.72 -4.69 6.73
CA SER B 105 -11.71 -6.07 7.17
C SER B 105 -12.95 -6.77 6.65
N ASP B 106 -12.95 -8.09 6.73
CA ASP B 106 -14.09 -8.88 6.29
C ASP B 106 -15.34 -8.53 7.11
N SER B 107 -15.14 -8.13 8.38
CA SER B 107 -16.24 -7.75 9.29
C SER B 107 -16.71 -6.32 9.03
N GLY B 108 -16.05 -5.64 8.09
CA GLY B 108 -16.35 -4.26 7.73
C GLY B 108 -15.64 -3.16 8.53
N SER B 109 -14.52 -3.46 9.19
CA SER B 109 -13.83 -2.43 10.00
C SER B 109 -12.72 -1.72 9.25
N GLU B 110 -12.56 -0.42 9.47
CA GLU B 110 -11.43 0.29 8.89
C GLU B 110 -10.09 0.00 9.55
N THR B 111 -10.12 -0.38 10.82
CA THR B 111 -8.87 -0.71 11.52
C THR B 111 -8.49 -2.14 11.23
N ALA B 112 -7.30 -2.34 10.68
CA ALA B 112 -6.83 -3.68 10.40
C ALA B 112 -6.48 -4.41 11.69
N PHE B 113 -5.91 -3.67 12.64
CA PHE B 113 -5.66 -4.20 13.99
C PHE B 113 -6.01 -3.15 14.98
N ARG B 114 -6.41 -3.57 16.18
CA ARG B 114 -6.73 -2.62 17.23
C ARG B 114 -6.27 -3.16 18.56
N GLU B 115 -6.22 -2.29 19.56
CA GLU B 115 -5.84 -2.68 20.90
C GLU B 115 -4.45 -3.30 20.93
N ILE B 116 -3.59 -2.80 20.05
CA ILE B 116 -2.18 -3.18 19.98
C ILE B 116 -1.44 -2.61 21.17
N GLU B 117 -0.44 -3.35 21.62
CA GLU B 117 0.36 -2.96 22.76
C GLU B 117 1.53 -2.14 22.26
N ILE B 118 1.77 -0.98 22.87
CA ILE B 118 2.96 -0.18 22.55
C ILE B 118 4.22 -1.02 22.71
N GLY B 119 4.43 -1.59 23.90
CA GLY B 119 5.58 -2.45 24.13
C GLY B 119 6.90 -1.77 23.80
N ASP B 120 7.77 -2.45 23.06
CA ASP B 120 9.06 -1.87 22.72
C ASP B 120 9.01 -0.89 21.57
N GLY B 121 7.84 -0.76 20.96
CA GLY B 121 7.61 0.20 19.92
C GLY B 121 7.67 -0.43 18.55
N PHE B 122 7.54 0.37 17.52
CA PHE B 122 7.37 -0.13 16.14
C PHE B 122 8.32 0.51 15.15
N LEU B 123 8.49 -0.16 14.01
CA LEU B 123 9.29 0.26 12.88
C LEU B 123 8.53 -0.18 11.62
N PRO B 124 8.58 0.63 10.54
CA PRO B 124 8.13 0.17 9.24
C PRO B 124 8.91 -1.06 8.79
N VAL B 125 8.27 -1.97 8.08
CA VAL B 125 8.90 -3.21 7.68
C VAL B 125 8.27 -3.65 6.37
N CYS B 126 9.05 -4.31 5.53
CA CYS B 126 8.49 -5.11 4.44
C CYS B 126 9.35 -6.36 4.15
N SER B 127 8.69 -7.39 3.64
CA SER B 127 9.38 -8.58 3.19
C SER B 127 9.10 -8.74 1.68
N LEU B 128 10.12 -9.20 0.97
CA LEU B 128 9.99 -9.51 -0.46
C LEU B 128 10.36 -10.98 -0.68
N GLY B 129 9.40 -11.77 -1.16
CA GLY B 129 9.63 -13.18 -1.46
C GLY B 129 10.55 -13.27 -2.67
N PRO B 130 11.00 -14.48 -2.99
CA PRO B 130 11.88 -14.59 -4.17
C PRO B 130 11.25 -13.98 -5.42
N GLY B 131 12.04 -13.18 -6.12
CA GLY B 131 11.67 -12.69 -7.44
C GLY B 131 10.95 -11.37 -7.34
N GLN B 132 10.44 -11.08 -6.14
CA GLN B 132 9.53 -9.94 -5.95
C GLN B 132 10.24 -8.61 -5.87
N VAL B 133 9.50 -7.58 -6.30
CA VAL B 133 9.96 -6.21 -6.37
C VAL B 133 8.88 -5.29 -5.76
N GLY B 134 9.27 -4.52 -4.77
CA GLY B 134 8.46 -3.41 -4.29
C GLY B 134 9.32 -2.36 -3.62
N HIS B 135 8.80 -1.14 -3.54
CA HIS B 135 9.56 0.00 -3.07
C HIS B 135 8.93 0.66 -1.83
N LEU B 136 9.69 0.82 -0.76
CA LEU B 136 9.22 1.56 0.39
C LEU B 136 9.38 3.03 0.13
N ASN B 137 8.43 3.82 0.60
CA ASN B 137 8.64 5.25 0.68
C ASN B 137 8.30 5.71 2.07
N LEU B 138 9.29 6.07 2.87
CA LEU B 138 9.06 6.43 4.27
C LEU B 138 8.79 7.93 4.41
N GLY B 139 8.80 8.66 3.30
CA GLY B 139 8.27 10.02 3.31
C GLY B 139 9.28 11.14 3.53
N GLN B 140 10.57 10.83 3.37
CA GLN B 140 11.62 11.87 3.43
C GLN B 140 11.18 13.07 2.59
N ASP B 141 10.64 12.81 1.41
CA ASP B 141 9.99 13.87 0.63
C ASP B 141 8.49 13.61 0.64
N VAL B 142 7.78 14.37 1.47
CA VAL B 142 6.36 14.15 1.68
C VAL B 142 5.60 14.27 0.37
N SER B 143 5.98 15.24 -0.45
CA SER B 143 5.34 15.46 -1.73
C SER B 143 5.39 14.21 -2.61
N SER B 144 6.37 13.35 -2.37
CA SER B 144 6.53 12.14 -3.16
C SER B 144 5.59 10.99 -2.76
N LEU B 145 5.05 11.02 -1.55
CA LEU B 145 3.99 10.09 -1.14
C LEU B 145 2.81 10.30 -2.06
N ARG B 146 2.34 9.20 -2.65
CA ARG B 146 1.38 9.27 -3.75
C ARG B 146 -0.05 9.42 -3.32
N PHE B 147 -0.39 8.87 -2.14
CA PHE B 147 -1.77 8.85 -1.64
C PHE B 147 -1.96 9.39 -0.20
N PHE B 148 -0.90 9.92 0.36
CA PHE B 148 -0.93 10.46 1.71
C PHE B 148 -1.97 11.57 1.87
N ALA B 149 -2.04 12.43 0.86
CA ALA B 149 -2.95 13.58 0.91
C ALA B 149 -4.38 13.14 0.80
N ILE B 150 -4.58 12.01 0.14
CA ILE B 150 -5.92 11.55 -0.12
C ILE B 150 -6.42 10.82 1.13
N CYS B 151 -5.53 10.07 1.78
CA CYS B 151 -5.84 9.46 3.07
C CYS B 151 -4.60 9.30 3.91
N GLY B 152 -4.54 10.12 4.96
CA GLY B 152 -3.47 10.04 5.93
C GLY B 152 -3.15 11.41 6.48
N LEU B 153 -3.10 12.38 5.59
CA LEU B 153 -2.73 13.74 5.97
C LEU B 153 -3.82 14.38 6.84
N GLN B 154 -5.05 14.50 6.37
CA GLN B 154 -6.05 15.22 7.18
C GLN B 154 -6.39 14.39 8.41
N GLU B 155 -6.24 13.07 8.30
CA GLU B 155 -6.44 12.16 9.42
C GLU B 155 -5.37 12.29 10.53
N GLY B 156 -4.36 13.11 10.32
CA GLY B 156 -3.41 13.42 11.38
C GLY B 156 -2.22 12.50 11.55
N PHE B 157 -1.96 11.69 10.54
CA PHE B 157 -0.77 10.83 10.53
C PHE B 157 0.39 11.58 9.87
N GLU B 158 1.61 11.29 10.30
CA GLU B 158 2.78 12.02 9.81
C GLU B 158 3.71 11.03 9.14
N PRO B 159 4.37 11.48 8.07
CA PRO B 159 5.33 10.60 7.39
C PRO B 159 6.37 10.09 8.35
N PHE B 160 6.61 8.81 8.30
CA PHE B 160 7.52 8.23 9.25
C PHE B 160 8.90 8.86 9.26
N ALA B 161 9.35 9.33 8.10
CA ALA B 161 10.74 9.80 7.93
C ALA B 161 11.12 10.95 8.87
N ILE B 162 10.12 11.64 9.42
CA ILE B 162 10.36 12.64 10.45
C ILE B 162 11.17 12.04 11.60
N ASN B 163 11.10 10.72 11.76
CA ASN B 163 11.80 10.02 12.83
C ASN B 163 13.22 9.64 12.49
N MET B 164 13.58 9.88 11.23
CA MET B 164 14.87 9.52 10.71
C MET B 164 15.68 10.81 10.55
N GLN B 165 16.83 10.88 11.21
CA GLN B 165 17.69 12.04 11.08
C GLN B 165 19.01 11.61 10.46
N ARG B 166 19.38 12.25 9.36
CA ARG B 166 20.61 11.88 8.68
C ARG B 166 21.76 12.12 9.63
N PRO B 167 22.76 11.24 9.61
CA PRO B 167 24.02 11.59 10.26
C PRO B 167 24.69 12.72 9.48
N VAL B 168 25.42 13.55 10.22
CA VAL B 168 26.19 14.62 9.62
C VAL B 168 27.55 14.69 10.26
N THR B 169 28.53 15.08 9.45
CA THR B 169 29.81 15.54 9.96
C THR B 169 29.82 17.06 9.82
N THR B 170 30.03 17.77 10.91
CA THR B 170 30.01 19.23 10.84
C THR B 170 31.40 19.84 10.70
N TRP B 171 31.46 20.96 9.98
CA TRP B 171 32.61 21.85 9.94
C TRP B 171 32.21 23.26 10.36
N PHE B 172 32.75 23.73 11.49
CA PHE B 172 32.49 25.07 12.02
C PHE B 172 33.45 26.11 11.49
N SER B 173 32.93 27.26 11.09
CA SER B 173 33.80 28.46 10.95
C SER B 173 33.11 29.70 11.48
N LYS B 174 33.93 30.61 12.04
CA LYS B 174 33.48 31.91 12.56
C LYS B 174 33.62 33.01 11.51
N SER B 175 34.21 32.63 10.37
CA SER B 175 34.52 33.54 9.28
C SER B 175 33.28 33.93 8.49
N LEU B 176 32.84 35.16 8.66
CA LEU B 176 31.61 35.61 8.00
C LEU B 176 31.75 35.60 6.46
N PRO B 177 32.88 36.08 5.92
CA PRO B 177 33.02 36.18 4.46
C PRO B 177 32.73 34.89 3.69
N GLN B 178 32.80 33.76 4.39
CA GLN B 178 32.48 32.45 3.80
C GLN B 178 30.96 32.21 3.77
N PHE B 179 30.23 32.99 4.56
CA PHE B 179 28.78 32.89 4.62
C PHE B 179 28.16 34.16 4.04
N GLU B 180 28.98 34.89 3.28
CA GLU B 180 28.58 36.14 2.63
C GLU B 180 28.30 37.25 3.65
N SER C 1 24.40 -7.74 -52.04
CA SER C 1 25.04 -7.31 -50.77
C SER C 1 24.73 -8.28 -49.65
N ASN C 2 25.71 -9.09 -49.28
CA ASN C 2 25.48 -10.16 -48.33
C ASN C 2 25.10 -9.60 -46.97
N ALA C 3 24.22 -10.29 -46.28
CA ALA C 3 23.81 -9.88 -44.94
C ALA C 3 24.95 -10.13 -43.94
N ASP C 4 24.94 -9.35 -42.85
CA ASP C 4 25.80 -9.62 -41.72
C ASP C 4 25.65 -11.03 -41.20
N ARG C 5 26.79 -11.62 -40.85
CA ARG C 5 26.85 -12.91 -40.20
C ARG C 5 26.77 -12.77 -38.68
N VAL C 6 25.73 -13.36 -38.10
CA VAL C 6 25.47 -13.32 -36.65
C VAL C 6 25.55 -14.70 -36.01
N ARG C 7 26.42 -14.84 -35.00
CA ARG C 7 26.58 -16.06 -34.24
C ARG C 7 25.58 -16.13 -33.12
N ILE C 8 24.78 -17.18 -33.08
CA ILE C 8 23.81 -17.35 -32.03
C ILE C 8 24.13 -18.59 -31.23
N PHE C 9 24.23 -18.40 -29.92
CA PHE C 9 24.68 -19.45 -29.01
C PHE C 9 23.59 -19.90 -28.06
N ARG C 10 22.67 -20.72 -28.56
CA ARG C 10 21.61 -21.24 -27.70
C ARG C 10 21.95 -22.63 -27.18
N ALA C 11 21.97 -22.72 -25.85
CA ALA C 11 22.39 -23.91 -25.10
C ALA C 11 21.62 -25.18 -25.47
N GLU C 12 22.10 -26.32 -24.97
CA GLU C 12 21.47 -27.60 -25.29
C GLU C 12 20.04 -27.61 -24.81
N LYS C 13 19.15 -28.06 -25.69
CA LYS C 13 17.73 -27.98 -25.45
C LYS C 13 17.34 -28.76 -24.22
N SER C 14 18.11 -29.79 -23.90
CA SER C 14 17.73 -30.66 -22.78
C SER C 14 17.84 -29.89 -21.46
N TYR C 15 18.45 -28.70 -21.47
CA TYR C 15 18.52 -27.85 -20.26
C TYR C 15 17.30 -26.94 -20.09
N THR C 16 16.39 -26.99 -21.04
CA THR C 16 15.23 -26.13 -21.04
C THR C 16 14.54 -26.09 -19.68
N VAL C 17 14.16 -24.90 -19.24
CA VAL C 17 13.45 -24.75 -17.98
C VAL C 17 12.04 -24.28 -18.21
N GLN C 18 11.12 -24.86 -17.45
CA GLN C 18 9.73 -24.45 -17.49
C GLN C 18 9.24 -23.99 -16.11
N SER C 19 10.11 -24.13 -15.11
CA SER C 19 9.80 -23.67 -13.77
C SER C 19 11.07 -23.12 -13.13
N GLY C 20 10.92 -22.48 -11.97
CA GLY C 20 12.04 -21.95 -11.24
C GLY C 20 12.41 -20.52 -11.58
N ARG C 21 13.47 -20.06 -10.93
CA ARG C 21 14.00 -18.70 -11.06
C ARG C 21 15.49 -18.75 -11.34
N TRP C 22 15.94 -18.23 -12.47
CA TRP C 22 17.30 -18.48 -12.93
C TRP C 22 18.09 -17.25 -13.35
N TYR C 23 19.41 -17.42 -13.35
CA TYR C 23 20.36 -16.33 -13.49
C TYR C 23 21.59 -16.75 -14.31
N PHE C 24 22.07 -15.85 -15.14
CA PHE C 24 23.36 -16.01 -15.81
C PHE C 24 23.90 -14.65 -16.21
N GLU C 25 25.18 -14.58 -16.56
CA GLU C 25 25.81 -13.33 -16.92
C GLU C 25 26.40 -13.34 -18.32
N PHE C 26 26.52 -12.13 -18.86
CA PHE C 26 27.14 -11.92 -20.16
C PHE C 26 28.09 -10.73 -20.06
N GLU C 27 29.37 -10.93 -20.39
CA GLU C 27 30.34 -9.85 -20.41
C GLU C 27 30.52 -9.32 -21.82
N ALA C 28 30.36 -8.01 -21.97
CA ALA C 28 30.65 -7.32 -23.23
C ALA C 28 32.11 -6.86 -23.32
N VAL C 29 32.85 -7.45 -24.25
CA VAL C 29 34.25 -7.14 -24.45
C VAL C 29 34.30 -6.03 -25.49
N THR C 30 33.64 -6.25 -26.63
CA THR C 30 33.33 -5.17 -27.58
C THR C 30 32.07 -4.50 -27.06
N THR C 31 31.59 -3.44 -27.72
CA THR C 31 30.43 -2.67 -27.24
C THR C 31 29.36 -2.49 -28.32
N GLY C 32 29.45 -3.29 -29.37
CA GLY C 32 28.55 -3.17 -30.51
C GLY C 32 27.38 -4.14 -30.46
N GLU C 33 26.98 -4.62 -31.64
CA GLU C 33 25.75 -5.35 -31.82
C GLU C 33 25.82 -6.74 -31.24
N MET C 34 25.40 -6.84 -29.98
CA MET C 34 25.26 -8.14 -29.33
C MET C 34 23.92 -8.15 -28.59
N ARG C 35 23.31 -9.32 -28.41
CA ARG C 35 22.09 -9.44 -27.63
C ARG C 35 22.15 -10.63 -26.69
N VAL C 36 21.46 -10.54 -25.56
CA VAL C 36 21.52 -11.60 -24.59
C VAL C 36 20.20 -11.72 -23.84
N GLY C 37 19.80 -12.93 -23.51
CA GLY C 37 18.62 -13.10 -22.68
C GLY C 37 18.10 -14.53 -22.72
N TRP C 38 16.82 -14.66 -22.99
CA TRP C 38 16.15 -15.95 -22.90
C TRP C 38 15.44 -16.24 -24.21
N ALA C 39 15.61 -17.47 -24.65
CA ALA C 39 15.12 -17.94 -25.93
C ALA C 39 14.32 -19.21 -25.74
N ARG C 40 13.31 -19.37 -26.58
CA ARG C 40 12.61 -20.62 -26.71
C ARG C 40 13.54 -21.68 -27.27
N PRO C 41 13.21 -22.96 -27.05
CA PRO C 41 14.08 -24.02 -27.56
C PRO C 41 14.27 -23.92 -29.07
N GLU C 42 13.23 -23.63 -29.82
CA GLU C 42 13.38 -23.47 -31.27
C GLU C 42 13.64 -22.01 -31.61
N LEU C 43 14.65 -21.75 -32.44
CA LEU C 43 14.90 -20.42 -32.98
C LEU C 43 14.88 -20.55 -34.49
N ARG C 44 14.44 -19.51 -35.18
CA ARG C 44 14.35 -19.57 -36.66
C ARG C 44 15.61 -19.00 -37.29
N PRO C 45 16.09 -19.64 -38.35
CA PRO C 45 17.28 -19.10 -39.02
C PRO C 45 17.08 -17.68 -39.61
N ASP C 46 18.18 -16.96 -39.74
CA ASP C 46 18.20 -15.67 -40.43
C ASP C 46 17.20 -14.63 -39.87
N VAL C 47 16.92 -14.73 -38.57
CA VAL C 47 16.12 -13.75 -37.82
C VAL C 47 16.95 -13.36 -36.57
N GLU C 48 17.11 -12.07 -36.31
CA GLU C 48 17.83 -11.63 -35.12
C GLU C 48 17.05 -11.97 -33.86
N LEU C 49 17.73 -12.09 -32.73
CA LEU C 49 17.08 -12.45 -31.47
C LEU C 49 16.09 -11.39 -31.02
N GLY C 50 14.84 -11.84 -30.84
CA GLY C 50 13.82 -11.00 -30.26
C GLY C 50 13.06 -10.25 -31.31
N ALA C 51 13.36 -10.48 -32.59
CA ALA C 51 12.59 -9.84 -33.67
C ALA C 51 11.22 -10.50 -33.80
N ASP C 52 11.15 -11.78 -33.45
CA ASP C 52 9.92 -12.52 -33.51
C ASP C 52 9.58 -12.88 -32.06
N GLU C 53 8.78 -13.93 -31.83
CA GLU C 53 8.27 -14.26 -30.49
C GLU C 53 9.20 -15.20 -29.70
N LEU C 54 10.28 -15.63 -30.33
CA LEU C 54 11.04 -16.74 -29.81
C LEU C 54 12.15 -16.35 -28.85
N ALA C 55 12.33 -15.06 -28.58
CA ALA C 55 13.38 -14.66 -27.66
C ALA C 55 12.98 -13.38 -26.95
N TYR C 56 13.53 -13.18 -25.77
CA TYR C 56 13.38 -11.97 -24.98
C TYR C 56 14.78 -11.51 -24.63
N VAL C 57 15.27 -10.43 -25.22
CA VAL C 57 16.68 -10.09 -25.04
C VAL C 57 16.96 -8.61 -24.90
N PHE C 58 18.09 -8.35 -24.28
CA PHE C 58 18.65 -7.01 -24.13
C PHE C 58 19.75 -6.73 -25.16
N ASN C 59 19.69 -5.61 -25.85
CA ASN C 59 20.74 -5.20 -26.78
C ASN C 59 21.38 -3.94 -26.24
N GLY C 60 22.60 -4.11 -25.79
CA GLY C 60 23.28 -3.06 -25.06
C GLY C 60 24.09 -2.13 -25.92
N HIS C 61 24.04 -2.29 -27.24
CA HIS C 61 24.81 -1.43 -28.14
C HIS C 61 24.37 0.02 -27.91
N ARG C 62 23.06 0.23 -27.86
CA ARG C 62 22.51 1.54 -27.53
C ARG C 62 21.46 1.46 -26.42
N GLY C 63 20.92 0.27 -26.16
CA GLY C 63 19.96 0.09 -25.08
C GLY C 63 18.58 -0.20 -25.60
N GLN C 64 18.37 -1.46 -25.93
CA GLN C 64 17.09 -1.91 -26.43
C GLN C 64 16.66 -3.23 -25.77
N ARG C 65 15.36 -3.41 -25.62
CA ARG C 65 14.82 -4.72 -25.26
C ARG C 65 14.07 -5.19 -26.47
N TRP C 66 14.28 -6.46 -26.81
CA TRP C 66 13.69 -7.03 -28.00
C TRP C 66 12.77 -8.20 -27.64
N HIS C 67 11.55 -8.14 -28.16
CA HIS C 67 10.60 -9.24 -28.19
C HIS C 67 9.48 -8.79 -29.13
N LEU C 68 9.30 -9.51 -30.23
CA LEU C 68 8.41 -9.05 -31.30
C LEU C 68 8.76 -7.62 -31.74
N GLY C 69 10.05 -7.33 -31.83
CA GLY C 69 10.53 -6.01 -32.12
C GLY C 69 11.23 -5.32 -30.96
N SER C 70 11.75 -4.13 -31.22
CA SER C 70 12.60 -3.42 -30.29
C SER C 70 11.84 -2.29 -29.59
N GLU C 71 12.29 -1.94 -28.39
CA GLU C 71 11.98 -0.67 -27.75
C GLU C 71 13.20 -0.14 -27.01
N PRO C 72 13.30 1.19 -26.85
CA PRO C 72 14.34 1.71 -25.95
C PRO C 72 14.23 1.11 -24.54
N PHE C 73 15.38 0.82 -23.91
CA PHE C 73 15.41 0.22 -22.59
C PHE C 73 16.84 0.21 -22.05
N GLY C 74 17.00 0.51 -20.78
CA GLY C 74 18.30 0.47 -20.15
C GLY C 74 19.26 1.53 -20.64
N ARG C 75 20.52 1.12 -20.75
CA ARG C 75 21.56 2.02 -21.21
C ARG C 75 22.59 1.21 -21.94
N PRO C 76 23.43 1.85 -22.75
CA PRO C 76 24.41 1.10 -23.53
C PRO C 76 25.60 0.58 -22.72
N TRP C 77 26.04 -0.62 -23.10
CA TRP C 77 27.33 -1.25 -22.79
C TRP C 77 28.56 -0.43 -22.91
N GLN C 78 29.44 -0.49 -21.91
CA GLN C 78 30.86 -0.17 -22.12
C GLN C 78 31.68 -1.46 -21.99
N SER C 79 32.91 -1.48 -22.55
CA SER C 79 33.73 -2.68 -22.50
C SER C 79 33.94 -3.18 -21.05
N GLY C 80 33.77 -4.47 -20.87
CA GLY C 80 33.97 -5.11 -19.59
C GLY C 80 32.73 -5.05 -18.71
N ASP C 81 31.64 -4.47 -19.22
CA ASP C 81 30.38 -4.45 -18.50
C ASP C 81 29.77 -5.85 -18.51
N VAL C 82 29.03 -6.17 -17.45
CA VAL C 82 28.41 -7.47 -17.29
C VAL C 82 26.89 -7.30 -17.12
N VAL C 83 26.18 -7.95 -18.02
CA VAL C 83 24.74 -8.02 -18.00
C VAL C 83 24.32 -9.22 -17.18
N GLY C 84 23.46 -9.01 -16.20
CA GLY C 84 22.90 -10.11 -15.44
C GLY C 84 21.54 -10.36 -16.06
N CYS C 85 21.24 -11.62 -16.39
CA CYS C 85 19.93 -11.97 -16.93
C CYS C 85 19.15 -12.84 -15.97
N MET C 86 17.93 -12.43 -15.68
CA MET C 86 17.10 -13.15 -14.75
C MET C 86 15.74 -13.48 -15.35
N ILE C 87 15.27 -14.70 -15.13
CA ILE C 87 13.89 -15.09 -15.40
C ILE C 87 13.24 -15.77 -14.19
N ASP C 88 11.99 -15.37 -13.93
CA ASP C 88 11.16 -15.88 -12.85
C ASP C 88 9.92 -16.48 -13.46
N LEU C 89 9.84 -17.80 -13.46
CA LEU C 89 8.72 -18.48 -14.12
C LEU C 89 7.55 -18.76 -13.16
N THR C 90 7.61 -18.17 -11.96
CA THR C 90 6.44 -18.16 -11.09
C THR C 90 5.70 -16.83 -11.28
N GLU C 91 6.45 -15.73 -11.25
CA GLU C 91 5.90 -14.40 -11.44
C GLU C 91 5.76 -14.08 -12.94
N ASN C 92 6.47 -14.85 -13.78
CA ASN C 92 6.45 -14.70 -15.24
C ASN C 92 7.08 -13.39 -15.68
N THR C 93 8.28 -13.16 -15.18
CA THR C 93 9.04 -11.95 -15.46
C THR C 93 10.46 -12.24 -15.92
N ILE C 94 11.05 -11.22 -16.54
CA ILE C 94 12.44 -11.20 -16.96
C ILE C 94 12.99 -9.86 -16.51
N ILE C 95 14.16 -9.91 -15.86
CA ILE C 95 14.84 -8.73 -15.33
C ILE C 95 16.29 -8.72 -15.80
N PHE C 96 16.80 -7.56 -16.20
CA PHE C 96 18.23 -7.39 -16.52
C PHE C 96 18.94 -6.43 -15.56
N THR C 97 20.19 -6.74 -15.29
CA THR C 97 21.11 -5.85 -14.59
C THR C 97 22.33 -5.52 -15.44
N LEU C 98 22.96 -4.40 -15.15
CA LEU C 98 24.23 -4.03 -15.73
C LEU C 98 25.15 -3.65 -14.58
N ASN C 99 26.24 -4.40 -14.42
CA ASN C 99 27.17 -4.26 -13.29
C ASN C 99 26.40 -4.30 -11.98
N GLY C 100 25.48 -5.26 -11.87
CA GLY C 100 24.71 -5.50 -10.67
C GLY C 100 23.60 -4.50 -10.42
N GLU C 101 23.41 -3.51 -11.30
CA GLU C 101 22.33 -2.55 -11.08
C GLU C 101 21.18 -2.82 -12.03
N VAL C 102 19.96 -2.86 -11.51
CA VAL C 102 18.83 -3.24 -12.33
C VAL C 102 18.63 -2.19 -13.40
N LEU C 103 18.43 -2.67 -14.62
CA LEU C 103 18.15 -1.82 -15.74
C LEU C 103 16.66 -1.55 -15.80
N MET C 104 16.33 -0.27 -15.70
CA MET C 104 14.95 0.20 -15.63
C MET C 104 14.37 0.48 -17.02
N SER C 105 13.11 0.11 -17.24
CA SER C 105 12.45 0.50 -18.47
C SER C 105 12.28 1.99 -18.49
N ASP C 106 11.92 2.48 -19.66
CA ASP C 106 11.61 3.89 -19.85
C ASP C 106 10.43 4.38 -19.01
N SER C 107 9.51 3.49 -18.68
CA SER C 107 8.34 3.82 -17.86
C SER C 107 8.68 3.70 -16.37
N GLY C 108 9.91 3.26 -16.07
CA GLY C 108 10.39 3.15 -14.69
C GLY C 108 10.28 1.78 -14.03
N SER C 109 10.07 0.73 -14.81
CA SER C 109 9.84 -0.62 -14.30
C SER C 109 11.13 -1.37 -14.12
N GLU C 110 11.25 -2.15 -13.05
CA GLU C 110 12.37 -3.09 -12.90
C GLU C 110 12.24 -4.34 -13.77
N THR C 111 11.00 -4.74 -14.08
CA THR C 111 10.79 -5.92 -14.93
C THR C 111 10.92 -5.47 -16.37
N ALA C 112 11.82 -6.09 -17.12
CA ALA C 112 11.95 -5.78 -18.53
C ALA C 112 10.80 -6.35 -19.36
N PHE C 113 10.35 -7.54 -18.99
CA PHE C 113 9.17 -8.18 -19.58
C PHE C 113 8.38 -8.82 -18.46
N ARG C 114 7.05 -8.82 -18.62
CA ARG C 114 6.18 -9.43 -17.63
C ARG C 114 5.08 -10.19 -18.33
N GLU C 115 4.33 -10.97 -17.54
CA GLU C 115 3.24 -11.77 -18.07
C GLU C 115 3.67 -12.65 -19.22
N ILE C 116 4.91 -13.11 -19.21
CA ILE C 116 5.39 -13.99 -20.27
C ILE C 116 4.76 -15.36 -20.09
N GLU C 117 4.74 -16.13 -21.18
CA GLU C 117 4.12 -17.43 -21.18
C GLU C 117 5.18 -18.50 -21.05
N ILE C 118 4.95 -19.46 -20.17
CA ILE C 118 5.92 -20.54 -19.96
C ILE C 118 6.15 -21.26 -21.29
N GLY C 119 5.05 -21.61 -21.94
CA GLY C 119 5.11 -22.34 -23.20
C GLY C 119 6.03 -23.54 -23.16
N ASP C 120 6.92 -23.63 -24.14
CA ASP C 120 7.88 -24.70 -24.20
C ASP C 120 9.06 -24.53 -23.24
N GLY C 121 9.09 -23.44 -22.49
CA GLY C 121 10.19 -23.17 -21.56
C GLY C 121 11.28 -22.30 -22.20
N PHE C 122 12.39 -22.10 -21.49
CA PHE C 122 13.36 -21.10 -21.88
C PHE C 122 14.79 -21.62 -21.78
N LEU C 123 15.68 -20.97 -22.53
CA LEU C 123 17.11 -21.25 -22.47
C LEU C 123 17.88 -19.93 -22.51
N PRO C 124 19.03 -19.89 -21.83
CA PRO C 124 19.87 -18.70 -22.02
C PRO C 124 20.27 -18.58 -23.47
N VAL C 125 20.47 -17.38 -23.96
CA VAL C 125 20.89 -17.20 -25.35
C VAL C 125 21.73 -15.93 -25.49
N CYS C 126 22.64 -15.90 -26.45
CA CYS C 126 23.21 -14.62 -26.87
C CYS C 126 23.51 -14.66 -28.34
N SER C 127 23.67 -13.47 -28.91
CA SER C 127 24.09 -13.37 -30.28
C SER C 127 25.19 -12.34 -30.37
N LEU C 128 26.17 -12.66 -31.22
CA LEU C 128 27.32 -11.80 -31.45
C LEU C 128 27.35 -11.41 -32.89
N GLY C 129 27.21 -10.12 -33.17
CA GLY C 129 27.26 -9.61 -34.52
C GLY C 129 28.67 -9.73 -35.05
N PRO C 130 28.87 -9.42 -36.33
CA PRO C 130 30.23 -9.52 -36.88
C PRO C 130 31.23 -8.69 -36.11
N GLY C 131 32.33 -9.33 -35.76
CA GLY C 131 33.44 -8.69 -35.09
C GLY C 131 33.32 -8.66 -33.60
N GLN C 132 32.14 -8.96 -33.07
CA GLN C 132 31.86 -8.72 -31.65
C GLN C 132 32.36 -9.84 -30.77
N VAL C 133 32.66 -9.48 -29.52
CA VAL C 133 33.24 -10.38 -28.56
C VAL C 133 32.52 -10.17 -27.22
N GLY C 134 31.95 -11.25 -26.72
CA GLY C 134 31.32 -11.24 -25.42
C GLY C 134 31.33 -12.66 -24.89
N HIS C 135 31.23 -12.80 -23.57
CA HIS C 135 31.30 -14.08 -22.87
C HIS C 135 30.07 -14.40 -22.00
N LEU C 136 29.45 -15.55 -22.23
CA LEU C 136 28.46 -16.07 -21.31
C LEU C 136 29.15 -16.67 -20.13
N ASN C 137 28.60 -16.39 -18.96
CA ASN C 137 28.86 -17.21 -17.82
C ASN C 137 27.57 -17.78 -17.24
N LEU C 138 27.37 -19.10 -17.33
CA LEU C 138 26.10 -19.67 -16.89
C LEU C 138 26.13 -20.09 -15.43
N GLY C 139 27.27 -19.90 -14.78
CA GLY C 139 27.37 -20.08 -13.33
C GLY C 139 27.75 -21.46 -12.83
N GLN C 140 28.42 -22.25 -13.66
CA GLN C 140 29.01 -23.51 -13.19
C GLN C 140 29.78 -23.25 -11.90
N ASP C 141 30.60 -22.22 -11.93
CA ASP C 141 31.26 -21.77 -10.71
C ASP C 141 30.54 -20.52 -10.20
N VAL C 142 29.68 -20.70 -9.20
CA VAL C 142 28.82 -19.60 -8.78
C VAL C 142 29.68 -18.43 -8.35
N SER C 143 30.90 -18.71 -7.86
CA SER C 143 31.74 -17.66 -7.32
C SER C 143 32.31 -16.79 -8.43
N SER C 144 32.33 -17.33 -9.65
CA SER C 144 32.85 -16.59 -10.78
C SER C 144 31.85 -15.59 -11.34
N LEU C 145 30.57 -15.69 -10.93
CA LEU C 145 29.57 -14.69 -11.26
C LEU C 145 29.96 -13.40 -10.58
N ARG C 146 30.06 -12.34 -11.36
CA ARG C 146 30.63 -11.09 -10.84
C ARG C 146 29.65 -10.21 -10.07
N PHE C 147 28.36 -10.30 -10.40
CA PHE C 147 27.34 -9.40 -9.83
C PHE C 147 26.14 -10.15 -9.24
N PHE C 148 26.22 -11.47 -9.25
CA PHE C 148 25.13 -12.30 -8.76
C PHE C 148 24.81 -12.01 -7.27
N ALA C 149 25.85 -11.88 -6.46
CA ALA C 149 25.66 -11.67 -5.01
C ALA C 149 25.04 -10.32 -4.75
N ILE C 150 25.31 -9.39 -5.66
CA ILE C 150 24.83 -8.03 -5.50
C ILE C 150 23.39 -7.89 -5.92
N CYS C 151 22.99 -8.65 -6.95
CA CYS C 151 21.59 -8.63 -7.37
C CYS C 151 21.32 -9.92 -8.10
N GLY C 152 20.48 -10.74 -7.47
CA GLY C 152 20.15 -12.07 -7.94
C GLY C 152 20.12 -13.09 -6.83
N LEU C 153 21.13 -13.09 -5.97
CA LEU C 153 21.26 -14.13 -4.96
C LEU C 153 20.16 -13.98 -3.91
N GLN C 154 20.14 -12.84 -3.23
CA GLN C 154 19.18 -12.68 -2.14
C GLN C 154 17.77 -12.62 -2.67
N GLU C 155 17.63 -12.26 -3.95
CA GLU C 155 16.34 -12.19 -4.63
C GLU C 155 15.82 -13.57 -5.02
N GLY C 156 16.60 -14.62 -4.81
CA GLY C 156 16.09 -15.97 -4.99
C GLY C 156 16.28 -16.57 -6.39
N PHE C 157 17.11 -15.94 -7.20
CA PHE C 157 17.43 -16.52 -8.53
C PHE C 157 18.62 -17.48 -8.40
N GLU C 158 18.61 -18.59 -9.15
CA GLU C 158 19.68 -19.58 -9.00
C GLU C 158 20.52 -19.59 -10.28
N PRO C 159 21.82 -19.90 -10.16
CA PRO C 159 22.66 -19.96 -11.37
C PRO C 159 22.09 -20.96 -12.36
N PHE C 160 21.98 -20.58 -13.62
CA PHE C 160 21.39 -21.47 -14.59
C PHE C 160 22.09 -22.83 -14.63
N ALA C 161 23.41 -22.81 -14.42
CA ALA C 161 24.21 -24.02 -14.55
C ALA C 161 23.68 -25.20 -13.72
N ILE C 162 22.94 -24.95 -12.65
CA ILE C 162 22.34 -26.05 -11.89
C ILE C 162 21.51 -26.97 -12.80
N ASN C 163 21.04 -26.43 -13.93
CA ASN C 163 20.25 -27.20 -14.89
C ASN C 163 21.05 -28.03 -15.85
N MET C 164 22.35 -27.87 -15.78
CA MET C 164 23.29 -28.45 -16.74
C MET C 164 24.11 -29.50 -16.02
N GLN C 165 23.90 -30.75 -16.39
CA GLN C 165 24.69 -31.82 -15.80
C GLN C 165 25.63 -32.40 -16.84
N ARG C 166 26.90 -32.46 -16.48
CA ARG C 166 27.92 -33.00 -17.37
C ARG C 166 27.64 -34.48 -17.65
N PRO C 167 27.80 -34.89 -18.91
CA PRO C 167 27.76 -36.34 -19.12
C PRO C 167 28.92 -37.03 -18.42
N VAL C 168 28.73 -38.29 -18.02
CA VAL C 168 29.81 -39.07 -17.44
C VAL C 168 29.86 -40.51 -17.95
N THR C 169 31.09 -41.04 -17.97
CA THR C 169 31.33 -42.46 -18.16
C THR C 169 31.78 -43.03 -16.84
N THR C 170 30.99 -43.96 -16.29
CA THR C 170 31.31 -44.48 -14.98
C THR C 170 32.15 -45.74 -15.05
N TRP C 171 32.95 -45.94 -14.01
CA TRP C 171 33.72 -47.15 -13.78
C TRP C 171 33.50 -47.61 -12.35
N PHE C 172 32.88 -48.77 -12.21
CA PHE C 172 32.56 -49.36 -10.92
C PHE C 172 33.69 -50.26 -10.44
N SER C 173 33.99 -50.23 -9.16
CA SER C 173 34.69 -51.36 -8.57
C SER C 173 34.22 -51.58 -7.15
N LYS C 174 34.33 -52.83 -6.71
CA LYS C 174 33.99 -53.23 -5.34
C LYS C 174 35.22 -53.28 -4.43
N SER C 175 36.40 -53.06 -5.03
CA SER C 175 37.67 -53.20 -4.31
C SER C 175 37.92 -51.99 -3.41
N LEU C 176 37.82 -52.18 -2.10
CA LEU C 176 37.96 -51.07 -1.16
C LEU C 176 39.35 -50.44 -1.26
N PRO C 177 40.41 -51.26 -1.39
CA PRO C 177 41.75 -50.66 -1.37
C PRO C 177 41.94 -49.60 -2.44
N GLN C 178 41.19 -49.71 -3.54
CA GLN C 178 41.24 -48.72 -4.60
C GLN C 178 40.80 -47.35 -4.06
N PHE C 179 39.85 -47.37 -3.13
CA PHE C 179 39.30 -46.15 -2.55
C PHE C 179 39.84 -45.90 -1.15
N GLU C 180 41.05 -46.40 -0.88
CA GLU C 180 41.63 -46.44 0.47
C GLU C 180 40.64 -46.96 1.49
#